data_7BBR
#
_entry.id   7BBR
#
_cell.length_a   59.759
_cell.length_b   61.850
_cell.length_c   88.254
_cell.angle_alpha   90.000
_cell.angle_beta   90.000
_cell.angle_gamma   90.000
#
_symmetry.space_group_name_H-M   'P 21 21 21'
#
loop_
_entity.id
_entity.type
_entity.pdbx_description
1 polymer 'Putative TRAP transporter solute receptor DctP'
2 non-polymer 2-KETO-3-DEOXYGLUCONATE
3 water water
#
_entity_poly.entity_id   1
_entity_poly.type   'polypeptide(L)'
_entity_poly.pdbx_seq_one_letter_code
;MKRLKKTVASLTAVALLGMGSAAVWAKDIKPRIIRFGYGLADDSPTGKASAHFAEVVSKLSDGKMKVKTFGNGALGPDEQ
LINSLISGSGEITFVSTAPIASLIPEFGVFDLPFLFDNEKVADTVLDGPEGKKLLDKLPAKGLIGLNYWENGFRNITNSR
HEISKLDDIGGIKLRVMQNQVALSVFKGLGANAIPMPFTELFTALETKTVDGQENPLSTIQTSKFYEVQPYLTLSNHVYT
PFVFLASKKWFDQLSQDEKDVITQAAADSQAFQRKASRQGNEDALKYLKEHNVKVAEFSTEEREKIREKVAPIVESLKAK
IGKETVEGVLDAAKKASGA
;
_entity_poly.pdbx_strand_id   A
#
# COMPACT_ATOMS: atom_id res chain seq x y z
N LYS A 27 22.49 23.12 8.84
CA LYS A 27 23.05 24.45 8.66
C LYS A 27 21.94 25.44 8.32
N ASP A 28 21.61 25.54 7.04
CA ASP A 28 20.56 26.44 6.56
C ASP A 28 19.22 25.75 6.74
N ILE A 29 18.71 25.78 7.99
CA ILE A 29 17.42 25.18 8.32
C ILE A 29 16.61 26.23 9.07
N LYS A 30 15.43 26.54 8.54
CA LYS A 30 14.51 27.46 9.17
C LYS A 30 13.34 26.70 9.78
N PRO A 31 12.67 27.26 10.78
CA PRO A 31 11.51 26.57 11.35
C PRO A 31 10.47 26.27 10.29
N ARG A 32 9.94 25.06 10.35
N ARG A 32 9.92 25.06 10.39
CA ARG A 32 8.92 24.57 9.43
CA ARG A 32 8.92 24.57 9.46
C ARG A 32 7.96 23.72 10.23
C ARG A 32 7.95 23.69 10.23
N ILE A 33 6.67 23.77 9.87
CA ILE A 33 5.67 22.83 10.34
C ILE A 33 5.16 22.08 9.11
N ILE A 34 5.15 20.75 9.19
CA ILE A 34 4.99 19.87 8.03
C ILE A 34 3.85 18.91 8.31
N ARG A 35 2.83 18.91 7.46
CA ARG A 35 1.65 18.08 7.65
C ARG A 35 1.79 16.75 6.92
N PHE A 36 1.45 15.66 7.61
CA PHE A 36 1.62 14.28 7.15
C PHE A 36 0.34 13.52 7.49
N GLY A 37 -0.59 13.48 6.53
CA GLY A 37 -1.78 12.68 6.67
C GLY A 37 -1.62 11.29 6.08
N TYR A 38 -2.45 10.36 6.54
CA TYR A 38 -2.43 9.00 6.00
C TYR A 38 -3.74 8.30 6.37
N GLY A 39 -3.97 7.17 5.70
CA GLY A 39 -5.18 6.39 5.84
C GLY A 39 -5.22 5.37 6.95
N LEU A 40 -4.13 4.65 7.16
CA LEU A 40 -4.10 3.59 8.16
C LEU A 40 -4.25 4.15 9.57
N ALA A 41 -4.56 3.25 10.50
CA ALA A 41 -4.65 3.64 11.90
C ALA A 41 -3.30 4.10 12.45
N ASP A 42 -3.36 4.97 13.44
CA ASP A 42 -2.14 5.51 14.04
C ASP A 42 -1.31 4.42 14.69
N ASP A 43 -1.92 3.35 15.15
CA ASP A 43 -1.21 2.26 15.81
C ASP A 43 -0.87 1.12 14.86
N SER A 44 -1.07 1.31 13.55
CA SER A 44 -0.55 0.36 12.59
C SER A 44 0.97 0.48 12.52
N PRO A 45 1.66 -0.53 11.99
CA PRO A 45 3.12 -0.39 11.86
C PRO A 45 3.52 0.87 11.08
N THR A 46 2.78 1.19 10.01
CA THR A 46 3.16 2.35 9.22
C THR A 46 2.82 3.65 9.94
N GLY A 47 1.72 3.67 10.71
CA GLY A 47 1.44 4.83 11.54
C GLY A 47 2.53 5.08 12.55
N LYS A 48 3.03 4.02 13.18
CA LYS A 48 4.15 4.16 14.10
C LYS A 48 5.41 4.60 13.36
N ALA A 49 5.60 4.15 12.13
CA ALA A 49 6.75 4.61 11.35
C ALA A 49 6.63 6.10 11.00
N SER A 50 5.40 6.58 10.84
CA SER A 50 5.20 7.99 10.54
C SER A 50 5.57 8.86 11.73
N ALA A 51 5.25 8.40 12.93
CA ALA A 51 5.69 9.10 14.13
C ALA A 51 7.21 9.02 14.27
N HIS A 52 7.80 7.89 13.85
CA HIS A 52 9.25 7.77 13.87
C HIS A 52 9.88 8.78 12.92
N PHE A 53 9.34 8.90 11.71
CA PHE A 53 9.80 9.92 10.77
C PHE A 53 9.74 11.31 11.40
N ALA A 54 8.61 11.65 12.04
CA ALA A 54 8.51 12.93 12.71
C ALA A 54 9.64 13.12 13.73
N GLU A 55 9.92 12.09 14.54
CA GLU A 55 10.97 12.20 15.55
C GLU A 55 12.33 12.43 14.92
N VAL A 56 12.64 11.69 13.86
CA VAL A 56 13.94 11.83 13.21
C VAL A 56 14.08 13.21 12.56
N VAL A 57 13.01 13.69 11.90
CA VAL A 57 13.08 15.03 11.31
C VAL A 57 13.36 16.08 12.36
N SER A 58 12.70 15.98 13.52
CA SER A 58 12.98 16.91 14.60
C SER A 58 14.43 16.80 15.06
N LYS A 59 14.92 15.58 15.28
CA LYS A 59 16.29 15.43 15.77
C LYS A 59 17.30 16.02 14.79
N LEU A 60 17.16 15.69 13.50
CA LEU A 60 18.14 16.12 12.52
C LEU A 60 18.09 17.62 12.28
N SER A 61 16.97 18.27 12.61
CA SER A 61 16.80 19.71 12.39
C SER A 61 16.93 20.51 13.68
N ASP A 62 17.44 19.92 14.75
CA ASP A 62 17.55 20.61 16.03
C ASP A 62 16.20 21.17 16.48
N GLY A 63 15.13 20.44 16.17
CA GLY A 63 13.79 20.81 16.58
C GLY A 63 13.15 21.88 15.73
N LYS A 64 13.77 22.30 14.65
CA LYS A 64 13.19 23.37 13.85
C LYS A 64 12.14 22.87 12.88
N MET A 65 12.30 21.67 12.34
CA MET A 65 11.33 21.09 11.40
C MET A 65 10.44 20.13 12.18
N LYS A 66 9.15 20.47 12.28
CA LYS A 66 8.21 19.73 13.10
C LYS A 66 7.12 19.12 12.22
N VAL A 67 7.06 17.80 12.21
CA VAL A 67 6.09 17.06 11.42
C VAL A 67 4.90 16.74 12.29
N LYS A 68 3.69 17.03 11.78
CA LYS A 68 2.42 16.77 12.45
C LYS A 68 1.70 15.68 11.68
N THR A 69 1.39 14.58 12.34
CA THR A 69 0.78 13.44 11.69
C THR A 69 -0.72 13.48 11.91
N PHE A 70 -1.47 13.06 10.88
CA PHE A 70 -2.94 13.04 10.91
C PHE A 70 -3.36 11.69 10.32
N GLY A 71 -3.49 10.68 11.18
CA GLY A 71 -3.73 9.32 10.73
C GLY A 71 -5.20 8.99 10.60
N ASN A 72 -5.44 7.71 10.31
CA ASN A 72 -6.79 7.15 10.35
C ASN A 72 -7.73 7.87 9.39
N GLY A 73 -7.21 8.39 8.29
CA GLY A 73 -8.04 9.05 7.30
C GLY A 73 -8.45 10.46 7.65
N ALA A 74 -7.83 11.08 8.64
CA ALA A 74 -8.27 12.39 9.10
C ALA A 74 -8.17 13.45 8.02
N LEU A 75 -7.25 13.30 7.07
CA LEU A 75 -7.12 14.24 5.96
C LEU A 75 -7.58 13.60 4.65
N GLY A 76 -8.36 12.54 4.73
CA GLY A 76 -8.92 11.88 3.58
C GLY A 76 -8.16 10.65 3.16
N PRO A 77 -8.67 9.99 2.13
CA PRO A 77 -8.05 8.77 1.61
C PRO A 77 -6.90 9.12 0.68
N ASP A 78 -6.25 8.06 0.18
CA ASP A 78 -5.08 8.20 -0.67
C ASP A 78 -5.31 9.20 -1.80
N GLU A 79 -6.46 9.10 -2.49
CA GLU A 79 -6.68 9.98 -3.65
C GLU A 79 -6.62 11.45 -3.25
N GLN A 80 -7.23 11.77 -2.11
CA GLN A 80 -7.23 13.14 -1.61
C GLN A 80 -5.84 13.54 -1.13
N LEU A 81 -5.15 12.62 -0.46
CA LEU A 81 -3.80 12.92 0.01
C LEU A 81 -2.87 13.24 -1.15
N ILE A 82 -2.93 12.43 -2.22
CA ILE A 82 -2.13 12.69 -3.41
C ILE A 82 -2.45 14.08 -3.95
N ASN A 83 -3.74 14.40 -4.11
CA ASN A 83 -4.12 15.71 -4.66
C ASN A 83 -3.68 16.85 -3.75
N SER A 84 -3.69 16.62 -2.43
N SER A 84 -3.70 16.63 -2.43
CA SER A 84 -3.26 17.66 -1.49
CA SER A 84 -3.25 17.66 -1.50
C SER A 84 -1.76 17.94 -1.61
C SER A 84 -1.77 17.95 -1.66
N LEU A 85 -0.96 16.91 -1.93
CA LEU A 85 0.46 17.13 -2.14
C LEU A 85 0.69 17.86 -3.46
N ILE A 86 -0.07 17.52 -4.49
CA ILE A 86 0.06 18.19 -5.77
C ILE A 86 -0.26 19.67 -5.62
N SER A 87 -1.33 19.99 -4.91
CA SER A 87 -1.74 21.38 -4.77
C SER A 87 -0.93 22.13 -3.72
N GLY A 88 -0.47 21.45 -2.68
CA GLY A 88 0.30 22.09 -1.63
C GLY A 88 -0.39 22.24 -0.30
N SER A 89 -1.62 21.75 -0.13
CA SER A 89 -2.23 21.77 1.20
C SER A 89 -1.62 20.74 2.14
N GLY A 90 -0.96 19.71 1.60
CA GLY A 90 -0.21 18.77 2.41
C GLY A 90 1.19 18.62 1.89
N GLU A 91 2.09 18.23 2.78
CA GLU A 91 3.52 18.16 2.46
C GLU A 91 4.03 16.74 2.25
N ILE A 92 3.61 15.80 3.09
CA ILE A 92 4.13 14.44 3.10
C ILE A 92 2.95 13.48 3.24
N THR A 93 3.07 12.30 2.63
CA THR A 93 2.11 11.23 2.89
C THR A 93 2.76 9.91 2.49
N PHE A 94 2.07 8.80 2.80
CA PHE A 94 2.37 7.53 2.16
C PHE A 94 1.04 7.04 1.59
N VAL A 95 1.08 6.47 0.39
CA VAL A 95 -0.10 5.91 -0.27
C VAL A 95 0.28 4.60 -0.92
N SER A 96 -0.72 3.76 -1.16
CA SER A 96 -0.48 2.57 -1.96
C SER A 96 -0.21 2.97 -3.42
N THR A 97 0.45 2.08 -4.14
CA THR A 97 0.74 2.33 -5.54
C THR A 97 -0.54 2.34 -6.38
N ALA A 98 -1.57 1.59 -5.96
CA ALA A 98 -2.75 1.44 -6.81
C ALA A 98 -3.39 2.77 -7.19
N PRO A 99 -3.66 3.70 -6.28
CA PRO A 99 -4.28 4.98 -6.68
C PRO A 99 -3.37 5.82 -7.55
N ILE A 100 -2.06 5.58 -7.53
CA ILE A 100 -1.15 6.32 -8.40
C ILE A 100 -1.37 5.94 -9.86
N ALA A 101 -1.92 4.75 -10.14
CA ALA A 101 -2.13 4.30 -11.51
C ALA A 101 -3.06 5.21 -12.30
N SER A 102 -3.94 5.96 -11.62
CA SER A 102 -4.80 6.90 -12.31
C SER A 102 -4.05 8.12 -12.82
N LEU A 103 -2.83 8.32 -12.37
CA LEU A 103 -1.95 9.37 -12.88
C LEU A 103 -0.85 8.82 -13.76
N ILE A 104 -0.28 7.68 -13.37
CA ILE A 104 0.87 7.07 -14.02
C ILE A 104 0.52 5.59 -14.16
N PRO A 105 0.00 5.15 -15.31
CA PRO A 105 -0.51 3.77 -15.39
C PRO A 105 0.51 2.71 -15.06
N GLU A 106 1.79 2.99 -15.28
CA GLU A 106 2.82 2.00 -15.02
C GLU A 106 2.80 1.52 -13.56
N PHE A 107 2.32 2.36 -12.65
CA PHE A 107 2.27 1.95 -11.24
C PHE A 107 1.28 0.82 -11.00
N GLY A 108 0.40 0.54 -11.95
CA GLY A 108 -0.52 -0.57 -11.87
C GLY A 108 0.15 -1.92 -11.87
N VAL A 109 1.44 -1.98 -12.18
CA VAL A 109 2.16 -3.26 -12.22
C VAL A 109 2.03 -4.00 -10.90
N PHE A 110 1.99 -3.28 -9.76
CA PHE A 110 2.02 -3.97 -8.47
C PHE A 110 0.70 -4.59 -8.08
N ASP A 111 -0.37 -4.36 -8.83
CA ASP A 111 -1.64 -5.01 -8.59
C ASP A 111 -1.75 -6.33 -9.34
N LEU A 112 -0.72 -6.72 -10.06
CA LEU A 112 -0.69 -8.05 -10.66
C LEU A 112 -0.39 -9.09 -9.58
N PRO A 113 -1.10 -10.20 -9.58
CA PRO A 113 -0.88 -11.20 -8.53
C PRO A 113 0.46 -11.91 -8.66
N PHE A 114 0.99 -12.32 -7.52
CA PHE A 114 2.12 -13.23 -7.43
C PHE A 114 3.37 -12.70 -8.12
N LEU A 115 3.54 -11.38 -8.11
CA LEU A 115 4.72 -10.76 -8.71
C LEU A 115 5.98 -11.02 -7.91
N PHE A 116 5.90 -10.92 -6.58
CA PHE A 116 7.07 -11.01 -5.71
C PHE A 116 6.93 -12.24 -4.82
N ASP A 117 7.91 -13.14 -4.86
CA ASP A 117 7.78 -14.36 -4.07
C ASP A 117 7.82 -14.09 -2.56
N ASN A 118 8.49 -13.03 -2.14
CA ASN A 118 8.67 -12.76 -0.72
C ASN A 118 9.16 -11.32 -0.57
N GLU A 119 9.30 -10.90 0.69
CA GLU A 119 9.62 -9.51 0.99
C GLU A 119 11.04 -9.15 0.59
N LYS A 120 11.95 -10.12 0.57
CA LYS A 120 13.33 -9.84 0.16
C LYS A 120 13.37 -9.51 -1.33
N VAL A 121 12.63 -10.27 -2.13
CA VAL A 121 12.50 -9.96 -3.56
C VAL A 121 11.89 -8.58 -3.74
N ALA A 122 10.82 -8.27 -3.00
CA ALA A 122 10.19 -6.96 -3.10
C ALA A 122 11.18 -5.83 -2.80
N ASP A 123 11.90 -5.93 -1.67
CA ASP A 123 12.87 -4.89 -1.32
C ASP A 123 13.87 -4.70 -2.45
N THR A 124 14.39 -5.79 -3.00
CA THR A 124 15.44 -5.70 -4.02
C THR A 124 14.90 -5.00 -5.26
N VAL A 125 13.71 -5.42 -5.73
CA VAL A 125 13.17 -4.85 -6.94
C VAL A 125 12.83 -3.38 -6.73
N LEU A 126 12.16 -3.07 -5.62
CA LEU A 126 11.70 -1.70 -5.39
C LEU A 126 12.86 -0.74 -5.18
N ASP A 127 13.90 -1.19 -4.47
CA ASP A 127 15.05 -0.35 -4.20
C ASP A 127 16.04 -0.31 -5.37
N GLY A 128 15.79 -1.12 -6.41
CA GLY A 128 16.67 -1.19 -7.56
C GLY A 128 16.13 -0.39 -8.73
N PRO A 129 16.73 -0.58 -9.89
CA PRO A 129 16.43 0.30 -11.04
C PRO A 129 14.99 0.26 -11.50
N GLU A 130 14.29 -0.88 -11.40
CA GLU A 130 12.91 -0.89 -11.87
C GLU A 130 12.00 -0.12 -10.94
N GLY A 131 12.26 -0.19 -9.63
CA GLY A 131 11.54 0.66 -8.70
C GLY A 131 11.83 2.12 -8.94
N LYS A 132 13.10 2.44 -9.24
CA LYS A 132 13.48 3.83 -9.43
C LYS A 132 12.86 4.41 -10.71
N LYS A 133 12.76 3.60 -11.77
CA LYS A 133 12.16 4.07 -13.00
C LYS A 133 10.75 4.61 -12.74
N LEU A 134 10.01 3.93 -11.86
CA LEU A 134 8.64 4.36 -11.55
C LEU A 134 8.67 5.61 -10.67
N LEU A 135 9.52 5.64 -9.63
CA LEU A 135 9.59 6.85 -8.82
C LEU A 135 9.98 8.05 -9.66
N ASP A 136 10.82 7.84 -10.69
CA ASP A 136 11.26 8.96 -11.51
C ASP A 136 10.13 9.59 -12.33
N LYS A 137 8.98 8.92 -12.44
CA LYS A 137 7.82 9.46 -13.14
C LYS A 137 6.99 10.42 -12.30
N LEU A 138 7.27 10.50 -11.01
CA LEU A 138 6.44 11.29 -10.10
C LEU A 138 6.64 12.80 -10.23
N PRO A 139 7.88 13.30 -10.42
CA PRO A 139 8.04 14.77 -10.44
C PRO A 139 7.20 15.46 -11.50
N ALA A 140 7.02 14.84 -12.67
CA ALA A 140 6.20 15.47 -13.70
C ALA A 140 4.74 15.63 -13.27
N LYS A 141 4.30 14.88 -12.27
CA LYS A 141 2.96 15.00 -11.73
C LYS A 141 2.92 15.84 -10.45
N GLY A 142 4.02 16.47 -10.06
CA GLY A 142 4.02 17.30 -8.87
C GLY A 142 4.36 16.57 -7.60
N LEU A 143 4.94 15.38 -7.68
CA LEU A 143 5.22 14.55 -6.53
C LEU A 143 6.67 14.10 -6.53
N ILE A 144 7.20 13.88 -5.34
CA ILE A 144 8.53 13.30 -5.15
C ILE A 144 8.36 11.98 -4.43
N GLY A 145 8.81 10.90 -5.08
CA GLY A 145 8.85 9.61 -4.42
C GLY A 145 10.12 9.47 -3.62
N LEU A 146 10.03 9.75 -2.32
CA LEU A 146 11.23 9.68 -1.48
C LEU A 146 11.83 8.27 -1.46
N ASN A 147 10.98 7.26 -1.30
CA ASN A 147 11.35 5.85 -1.37
C ASN A 147 10.08 5.03 -1.21
N TYR A 148 10.22 3.72 -1.27
CA TYR A 148 9.10 2.82 -1.07
C TYR A 148 9.08 2.31 0.37
N TRP A 149 7.89 2.24 0.94
CA TRP A 149 7.63 1.59 2.21
C TRP A 149 6.82 0.33 1.91
N GLU A 150 6.58 -0.49 2.93
CA GLU A 150 5.88 -1.74 2.74
C GLU A 150 4.44 -1.66 3.23
N ASN A 151 3.49 -1.81 2.31
CA ASN A 151 2.12 -2.10 2.73
C ASN A 151 2.06 -3.60 3.01
N GLY A 152 2.21 -4.44 1.98
CA GLY A 152 2.58 -5.81 2.17
C GLY A 152 1.76 -6.78 1.35
N PHE A 153 1.88 -8.03 1.72
CA PHE A 153 1.09 -9.09 1.09
C PHE A 153 -0.34 -9.02 1.58
N ARG A 154 -1.26 -9.07 0.62
CA ARG A 154 -2.69 -8.90 0.88
C ARG A 154 -3.37 -10.26 1.05
N ASN A 155 -4.37 -10.27 1.95
CA ASN A 155 -5.11 -11.47 2.32
C ASN A 155 -6.60 -11.17 2.29
N ILE A 156 -7.38 -12.15 1.84
CA ILE A 156 -8.81 -11.96 1.64
C ILE A 156 -9.57 -12.18 2.95
N THR A 157 -10.46 -11.25 3.30
CA THR A 157 -11.41 -11.45 4.39
C THR A 157 -12.82 -11.36 3.84
N ASN A 158 -13.78 -11.98 4.54
CA ASN A 158 -15.17 -11.76 4.17
C ASN A 158 -16.08 -12.18 5.33
N SER A 159 -17.37 -11.93 5.15
CA SER A 159 -18.38 -12.27 6.15
C SER A 159 -19.43 -13.25 5.65
N ARG A 160 -19.27 -13.78 4.43
CA ARG A 160 -20.25 -14.70 3.87
C ARG A 160 -19.90 -16.17 4.12
N HIS A 161 -18.70 -16.60 3.73
CA HIS A 161 -18.32 -17.98 3.90
C HIS A 161 -16.80 -18.13 3.80
N GLU A 162 -16.29 -19.23 4.35
CA GLU A 162 -14.86 -19.51 4.22
C GLU A 162 -14.47 -19.56 2.74
N ILE A 163 -13.31 -19.01 2.43
CA ILE A 163 -12.74 -19.06 1.08
C ILE A 163 -11.47 -19.90 1.16
N SER A 164 -11.55 -21.14 0.70
CA SER A 164 -10.36 -21.98 0.62
C SER A 164 -10.14 -22.49 -0.79
N LYS A 165 -11.02 -22.17 -1.72
CA LYS A 165 -10.93 -22.63 -3.10
C LYS A 165 -11.22 -21.47 -4.02
N LEU A 166 -10.65 -21.51 -5.22
CA LEU A 166 -11.01 -20.53 -6.24
C LEU A 166 -12.52 -20.44 -6.40
N ASP A 167 -13.20 -21.59 -6.39
CA ASP A 167 -14.65 -21.63 -6.55
C ASP A 167 -15.36 -20.77 -5.52
N ASP A 168 -14.80 -20.66 -4.31
CA ASP A 168 -15.43 -19.93 -3.22
C ASP A 168 -15.41 -18.41 -3.42
N ILE A 169 -14.62 -17.89 -4.37
CA ILE A 169 -14.61 -16.46 -4.63
C ILE A 169 -15.84 -16.06 -5.44
N GLY A 170 -16.42 -16.99 -6.19
CA GLY A 170 -17.49 -16.63 -7.10
C GLY A 170 -18.64 -15.94 -6.42
N GLY A 171 -18.99 -14.74 -6.91
CA GLY A 171 -20.13 -14.03 -6.40
C GLY A 171 -19.91 -13.25 -5.13
N ILE A 172 -18.77 -13.45 -4.44
CA ILE A 172 -18.44 -12.63 -3.27
C ILE A 172 -18.37 -11.18 -3.72
N LYS A 173 -19.04 -10.30 -2.99
CA LYS A 173 -18.96 -8.87 -3.25
C LYS A 173 -17.72 -8.36 -2.52
N LEU A 174 -16.66 -8.13 -3.27
CA LEU A 174 -15.33 -7.89 -2.72
C LEU A 174 -14.91 -6.46 -3.04
N ARG A 175 -14.68 -5.66 -2.01
CA ARG A 175 -14.08 -4.36 -2.24
C ARG A 175 -12.66 -4.53 -2.74
N VAL A 176 -12.28 -3.72 -3.73
CA VAL A 176 -10.93 -3.67 -4.27
C VAL A 176 -10.46 -2.22 -4.30
N MET A 177 -9.14 -2.06 -4.45
CA MET A 177 -8.56 -0.74 -4.66
C MET A 177 -8.99 -0.19 -6.02
N GLN A 178 -8.80 1.11 -6.19
CA GLN A 178 -9.46 1.83 -7.28
C GLN A 178 -8.55 2.02 -8.49
N ASN A 179 -8.32 0.92 -9.20
CA ASN A 179 -7.73 1.01 -10.53
C ASN A 179 -8.20 -0.18 -11.38
N GLN A 180 -7.96 -0.06 -12.69
CA GLN A 180 -8.44 -1.07 -13.62
C GLN A 180 -7.78 -2.42 -13.40
N VAL A 181 -6.53 -2.44 -12.95
CA VAL A 181 -5.86 -3.72 -12.73
C VAL A 181 -6.55 -4.49 -11.63
N ALA A 182 -6.76 -3.85 -10.48
CA ALA A 182 -7.40 -4.53 -9.36
C ALA A 182 -8.81 -4.98 -9.73
N LEU A 183 -9.57 -4.11 -10.40
CA LEU A 183 -10.93 -4.48 -10.79
C LEU A 183 -10.90 -5.68 -11.74
N SER A 184 -10.00 -5.66 -12.72
CA SER A 184 -9.97 -6.72 -13.72
C SER A 184 -9.50 -8.04 -13.13
N VAL A 185 -8.49 -7.99 -12.25
CA VAL A 185 -7.99 -9.21 -11.62
C VAL A 185 -9.09 -9.89 -10.84
N PHE A 186 -9.78 -9.16 -9.97
CA PHE A 186 -10.76 -9.81 -9.11
C PHE A 186 -12.02 -10.20 -9.86
N LYS A 187 -12.47 -9.40 -10.83
CA LYS A 187 -13.56 -9.86 -11.69
C LYS A 187 -13.16 -11.13 -12.41
N GLY A 188 -11.91 -11.23 -12.84
CA GLY A 188 -11.44 -12.42 -13.52
C GLY A 188 -11.44 -13.65 -12.65
N LEU A 189 -11.32 -13.48 -11.33
CA LEU A 189 -11.41 -14.58 -10.39
C LEU A 189 -12.84 -14.87 -9.95
N GLY A 190 -13.83 -14.17 -10.50
CA GLY A 190 -15.21 -14.46 -10.24
C GLY A 190 -15.87 -13.61 -9.19
N ALA A 191 -15.14 -12.70 -8.58
CA ALA A 191 -15.71 -11.82 -7.57
C ALA A 191 -16.58 -10.76 -8.23
N ASN A 192 -17.55 -10.27 -7.48
CA ASN A 192 -18.27 -9.04 -7.79
C ASN A 192 -17.42 -7.93 -7.17
N ALA A 193 -16.52 -7.36 -7.97
CA ALA A 193 -15.49 -6.45 -7.47
C ALA A 193 -15.99 -5.01 -7.41
N ILE A 194 -15.80 -4.37 -6.26
CA ILE A 194 -16.36 -3.06 -5.97
C ILE A 194 -15.22 -2.12 -5.58
N PRO A 195 -14.80 -1.23 -6.47
CA PRO A 195 -13.74 -0.28 -6.07
C PRO A 195 -14.30 0.68 -5.03
N MET A 196 -13.52 0.92 -3.98
CA MET A 196 -13.97 1.86 -2.96
C MET A 196 -12.75 2.47 -2.27
N PRO A 197 -12.80 3.73 -1.87
CA PRO A 197 -11.71 4.28 -1.05
C PRO A 197 -11.61 3.56 0.29
N PHE A 198 -10.37 3.46 0.78
CA PHE A 198 -10.09 2.73 2.02
C PHE A 198 -10.84 3.32 3.20
N THR A 199 -11.01 4.63 3.23
CA THR A 199 -11.64 5.31 4.34
C THR A 199 -13.12 4.98 4.49
N GLU A 200 -13.75 4.37 3.48
CA GLU A 200 -15.14 3.96 3.56
C GLU A 200 -15.31 2.47 3.88
N LEU A 201 -14.19 1.76 4.03
CA LEU A 201 -14.21 0.30 4.00
C LEU A 201 -14.79 -0.30 5.26
N PHE A 202 -14.39 0.18 6.45
CA PHE A 202 -14.93 -0.45 7.66
C PHE A 202 -16.47 -0.43 7.64
N THR A 203 -17.07 0.72 7.34
CA THR A 203 -18.53 0.80 7.37
C THR A 203 -19.16 -0.11 6.32
N ALA A 204 -18.54 -0.24 5.14
CA ALA A 204 -19.09 -1.10 4.12
C ALA A 204 -19.08 -2.56 4.55
N LEU A 205 -18.01 -2.96 5.25
CA LEU A 205 -17.96 -4.33 5.78
C LEU A 205 -18.99 -4.52 6.88
N GLU A 206 -19.09 -3.52 7.78
CA GLU A 206 -19.98 -3.66 8.93
C GLU A 206 -21.43 -3.75 8.51
N THR A 207 -21.83 -2.96 7.52
CA THR A 207 -23.20 -2.96 7.06
C THR A 207 -23.46 -4.04 6.02
N LYS A 208 -22.43 -4.78 5.64
CA LYS A 208 -22.52 -5.81 4.61
C LYS A 208 -22.93 -5.23 3.25
N THR A 209 -22.61 -3.96 3.01
CA THR A 209 -22.73 -3.42 1.67
C THR A 209 -21.76 -4.12 0.72
N VAL A 210 -20.63 -4.57 1.25
CA VAL A 210 -19.77 -5.53 0.58
C VAL A 210 -19.58 -6.71 1.53
N ASP A 211 -19.27 -7.88 0.95
CA ASP A 211 -19.01 -9.06 1.76
C ASP A 211 -17.59 -9.10 2.32
N GLY A 212 -16.62 -8.52 1.61
CA GLY A 212 -15.24 -8.72 1.99
C GLY A 212 -14.33 -7.70 1.34
N GLN A 213 -13.04 -7.88 1.62
CA GLN A 213 -11.98 -7.01 1.11
C GLN A 213 -10.69 -7.82 1.17
N GLU A 214 -9.57 -7.16 0.89
CA GLU A 214 -8.28 -7.81 0.95
C GLU A 214 -7.22 -6.77 1.29
N ASN A 215 -6.35 -7.12 2.25
CA ASN A 215 -5.37 -6.18 2.78
C ASN A 215 -4.38 -6.99 3.63
N PRO A 216 -3.24 -6.42 4.01
CA PRO A 216 -2.33 -7.13 4.91
C PRO A 216 -2.96 -7.36 6.27
N LEU A 217 -2.43 -8.38 6.95
CA LEU A 217 -2.95 -8.76 8.26
C LEU A 217 -2.94 -7.63 9.27
N SER A 218 -1.87 -6.83 9.33
CA SER A 218 -1.83 -5.80 10.36
C SER A 218 -2.87 -4.70 10.13
N THR A 219 -3.26 -4.49 8.87
CA THR A 219 -4.36 -3.56 8.58
C THR A 219 -5.70 -4.18 8.94
N ILE A 220 -5.91 -5.46 8.60
CA ILE A 220 -7.12 -6.16 9.02
C ILE A 220 -7.31 -6.03 10.53
N GLN A 221 -6.20 -6.13 11.28
CA GLN A 221 -6.23 -5.95 12.72
C GLN A 221 -6.49 -4.50 13.11
N THR A 222 -5.58 -3.59 12.71
CA THR A 222 -5.58 -2.26 13.32
C THR A 222 -6.66 -1.34 12.77
N SER A 223 -7.18 -1.61 11.57
CA SER A 223 -8.38 -0.90 11.10
C SER A 223 -9.66 -1.57 11.54
N LYS A 224 -9.56 -2.66 12.32
CA LYS A 224 -10.69 -3.30 12.99
C LYS A 224 -11.57 -4.08 12.04
N PHE A 225 -11.10 -4.33 10.81
CA PHE A 225 -11.92 -5.06 9.86
C PHE A 225 -12.28 -6.45 10.40
N TYR A 226 -11.38 -7.06 11.18
CA TYR A 226 -11.65 -8.40 11.67
C TYR A 226 -12.92 -8.46 12.51
N GLU A 227 -13.29 -7.36 13.16
CA GLU A 227 -14.47 -7.39 14.02
C GLU A 227 -15.72 -7.71 13.25
N VAL A 228 -15.73 -7.42 11.94
CA VAL A 228 -16.88 -7.58 11.08
C VAL A 228 -16.57 -8.51 9.92
N GLN A 229 -15.51 -9.32 10.07
CA GLN A 229 -15.07 -10.27 9.04
C GLN A 229 -14.67 -11.56 9.73
N PRO A 230 -15.59 -12.50 9.92
CA PRO A 230 -15.24 -13.75 10.61
C PRO A 230 -14.30 -14.68 9.83
N TYR A 231 -14.09 -14.46 8.54
CA TYR A 231 -13.29 -15.36 7.71
C TYR A 231 -12.06 -14.62 7.17
N LEU A 232 -10.93 -15.33 7.19
CA LEU A 232 -9.66 -14.83 6.68
C LEU A 232 -9.03 -15.95 5.87
N THR A 233 -8.53 -15.63 4.68
CA THR A 233 -7.73 -16.55 3.88
C THR A 233 -6.34 -15.98 3.72
N LEU A 234 -5.33 -16.79 4.05
CA LEU A 234 -3.93 -16.39 3.89
C LEU A 234 -3.51 -16.63 2.45
N SER A 235 -4.04 -15.79 1.57
CA SER A 235 -3.83 -15.91 0.13
C SER A 235 -2.55 -15.24 -0.34
N ASN A 236 -2.11 -14.17 0.32
CA ASN A 236 -0.88 -13.48 -0.06
C ASN A 236 -0.83 -13.26 -1.58
N HIS A 237 -1.96 -12.83 -2.15
CA HIS A 237 -2.16 -12.88 -3.59
C HIS A 237 -1.48 -11.74 -4.35
N VAL A 238 -1.27 -10.62 -3.69
CA VAL A 238 -0.70 -9.40 -4.27
C VAL A 238 0.19 -8.80 -3.20
N TYR A 239 1.28 -8.17 -3.62
CA TYR A 239 2.14 -7.38 -2.76
C TYR A 239 1.97 -5.89 -3.10
N THR A 240 1.59 -5.08 -2.12
CA THR A 240 1.42 -3.65 -2.35
C THR A 240 2.58 -2.88 -1.75
N PRO A 241 3.36 -2.14 -2.54
CA PRO A 241 4.25 -1.13 -1.97
C PRO A 241 3.45 0.11 -1.58
N PHE A 242 3.95 0.79 -0.56
CA PHE A 242 3.61 2.19 -0.37
C PHE A 242 4.68 3.04 -1.04
N VAL A 243 4.29 4.18 -1.58
CA VAL A 243 5.26 5.21 -1.94
C VAL A 243 5.21 6.27 -0.84
N PHE A 244 6.36 6.57 -0.26
CA PHE A 244 6.52 7.67 0.69
C PHE A 244 6.75 8.92 -0.15
N LEU A 245 5.81 9.87 -0.09
CA LEU A 245 5.72 10.97 -1.02
C LEU A 245 5.95 12.31 -0.33
N ALA A 246 6.57 13.23 -1.06
CA ALA A 246 6.58 14.65 -0.72
C ALA A 246 5.94 15.46 -1.84
N SER A 247 5.31 16.57 -1.47
CA SER A 247 4.86 17.54 -2.46
C SER A 247 6.06 18.17 -3.14
N LYS A 248 6.09 18.13 -4.48
CA LYS A 248 7.22 18.72 -5.19
C LYS A 248 7.26 20.23 -5.01
N LYS A 249 6.11 20.90 -5.08
CA LYS A 249 6.11 22.36 -4.89
C LYS A 249 6.74 22.72 -3.56
N TRP A 250 6.37 22.00 -2.51
CA TRP A 250 6.92 22.27 -1.18
C TRP A 250 8.40 21.90 -1.12
N PHE A 251 8.74 20.68 -1.54
CA PHE A 251 10.11 20.20 -1.42
C PHE A 251 11.08 21.09 -2.18
N ASP A 252 10.69 21.57 -3.34
CA ASP A 252 11.60 22.35 -4.16
C ASP A 252 11.95 23.69 -3.51
N GLN A 253 11.11 24.19 -2.60
CA GLN A 253 11.36 25.44 -1.92
C GLN A 253 12.21 25.28 -0.67
N LEU A 254 12.44 24.03 -0.24
CA LEU A 254 13.35 23.80 0.86
C LEU A 254 14.79 24.07 0.46
N SER A 255 15.59 24.50 1.43
CA SER A 255 17.02 24.58 1.21
C SER A 255 17.60 23.17 1.09
N GLN A 256 18.82 23.07 0.56
CA GLN A 256 19.43 21.76 0.45
C GLN A 256 19.56 21.08 1.81
N ASP A 257 19.93 21.83 2.84
CA ASP A 257 20.04 21.23 4.17
C ASP A 257 18.69 20.71 4.64
N GLU A 258 17.60 21.43 4.33
CA GLU A 258 16.27 20.98 4.72
C GLU A 258 15.87 19.75 3.92
N LYS A 259 16.16 19.74 2.61
CA LYS A 259 15.91 18.54 1.81
C LYS A 259 16.64 17.34 2.39
N ASP A 260 17.90 17.54 2.80
CA ASP A 260 18.71 16.46 3.35
C ASP A 260 18.11 15.91 4.64
N VAL A 261 17.53 16.77 5.48
CA VAL A 261 16.83 16.26 6.66
C VAL A 261 15.72 15.31 6.23
N ILE A 262 14.93 15.73 5.24
CA ILE A 262 13.81 14.91 4.77
C ILE A 262 14.30 13.59 4.19
N THR A 263 15.30 13.63 3.32
CA THR A 263 15.73 12.39 2.66
C THR A 263 16.47 11.47 3.64
N GLN A 264 17.26 12.03 4.54
CA GLN A 264 17.90 11.21 5.55
C GLN A 264 16.86 10.57 6.47
N ALA A 265 15.87 11.36 6.91
CA ALA A 265 14.83 10.81 7.75
C ALA A 265 14.02 9.74 7.00
N ALA A 266 13.82 9.95 5.69
CA ALA A 266 13.10 8.96 4.89
C ALA A 266 13.85 7.63 4.83
N ALA A 267 15.18 7.68 4.68
CA ALA A 267 15.98 6.46 4.64
C ALA A 267 15.90 5.71 5.97
N ASP A 268 16.07 6.44 7.07
CA ASP A 268 15.96 5.85 8.40
C ASP A 268 14.57 5.25 8.60
N SER A 269 13.55 5.98 8.20
CA SER A 269 12.19 5.55 8.46
C SER A 269 11.78 4.38 7.59
N GLN A 270 12.31 4.29 6.37
CA GLN A 270 12.04 3.12 5.53
C GLN A 270 12.52 1.85 6.21
N ALA A 271 13.72 1.87 6.76
CA ALA A 271 14.25 0.70 7.43
C ALA A 271 13.41 0.37 8.65
N PHE A 272 13.05 1.39 9.45
CA PHE A 272 12.20 1.17 10.61
C PHE A 272 10.86 0.61 10.21
N GLN A 273 10.27 1.16 9.15
CA GLN A 273 8.91 0.79 8.73
C GLN A 273 8.86 -0.65 8.25
N ARG A 274 9.85 -1.07 7.47
CA ARG A 274 9.81 -2.43 6.95
C ARG A 274 9.96 -3.45 8.08
N LYS A 275 10.86 -3.17 9.02
CA LYS A 275 11.00 -4.03 10.19
C LYS A 275 9.70 -4.08 10.99
N ALA A 276 9.09 -2.91 11.24
CA ALA A 276 7.85 -2.87 12.02
C ALA A 276 6.72 -3.58 11.28
N SER A 277 6.70 -3.48 9.96
CA SER A 277 5.65 -4.12 9.19
C SER A 277 5.76 -5.63 9.30
N ARG A 278 6.98 -6.17 9.22
CA ARG A 278 7.17 -7.60 9.22
C ARG A 278 6.92 -8.19 10.60
N GLN A 279 7.36 -7.52 11.66
CA GLN A 279 6.97 -7.96 12.99
C GLN A 279 5.46 -7.83 13.18
N GLY A 280 4.88 -6.74 12.67
CA GLY A 280 3.44 -6.52 12.78
C GLY A 280 2.63 -7.60 12.11
N ASN A 281 3.14 -8.15 11.01
CA ASN A 281 2.38 -9.21 10.33
C ASN A 281 2.31 -10.46 11.21
N GLU A 282 3.44 -10.84 11.81
CA GLU A 282 3.46 -11.98 12.70
C GLU A 282 2.55 -11.74 13.91
N ASP A 283 2.65 -10.55 14.49
CA ASP A 283 1.81 -10.24 15.65
C ASP A 283 0.34 -10.25 15.28
N ALA A 284 0.01 -9.78 14.07
CA ALA A 284 -1.39 -9.72 13.66
C ALA A 284 -2.00 -11.11 13.51
N LEU A 285 -1.27 -12.06 12.93
CA LEU A 285 -1.87 -13.38 12.75
C LEU A 285 -2.22 -13.97 14.11
N LYS A 286 -1.35 -13.78 15.09
CA LYS A 286 -1.61 -14.29 16.44
C LYS A 286 -2.83 -13.62 17.05
N TYR A 287 -2.90 -12.29 16.93
CA TYR A 287 -4.04 -11.54 17.47
C TYR A 287 -5.35 -11.98 16.80
N LEU A 288 -5.35 -12.12 15.47
CA LEU A 288 -6.59 -12.44 14.77
C LEU A 288 -7.11 -13.81 15.16
N LYS A 289 -6.22 -14.79 15.32
CA LYS A 289 -6.63 -16.11 15.78
C LYS A 289 -7.21 -16.06 17.18
N GLU A 290 -6.65 -15.21 18.05
CA GLU A 290 -7.20 -15.08 19.38
C GLU A 290 -8.51 -14.32 19.41
N HIS A 291 -8.88 -13.64 18.34
CA HIS A 291 -10.08 -12.80 18.30
C HIS A 291 -11.15 -13.31 17.35
N ASN A 292 -11.32 -14.62 17.35
CA ASN A 292 -12.48 -15.30 16.78
C ASN A 292 -12.48 -15.30 15.26
N VAL A 293 -11.33 -15.15 14.59
CA VAL A 293 -11.25 -15.20 13.14
C VAL A 293 -10.91 -16.62 12.71
N LYS A 294 -11.65 -17.13 11.73
CA LYS A 294 -11.40 -18.46 11.20
C LYS A 294 -10.47 -18.33 10.01
N VAL A 295 -9.33 -19.02 10.07
CA VAL A 295 -8.26 -18.84 9.10
C VAL A 295 -8.19 -20.04 8.16
N ALA A 296 -8.18 -19.75 6.87
CA ALA A 296 -8.01 -20.74 5.82
C ALA A 296 -6.85 -20.34 4.91
N GLU A 297 -6.52 -21.24 4.00
CA GLU A 297 -5.55 -20.95 2.97
C GLU A 297 -5.96 -21.64 1.69
N PHE A 298 -5.30 -21.29 0.59
CA PHE A 298 -5.44 -22.05 -0.65
C PHE A 298 -4.39 -23.15 -0.70
N SER A 299 -4.82 -24.38 -0.95
CA SER A 299 -3.90 -25.49 -1.12
C SER A 299 -3.03 -25.26 -2.35
N THR A 300 -1.98 -26.07 -2.50
CA THR A 300 -1.12 -25.87 -3.67
C THR A 300 -1.92 -26.06 -4.96
N GLU A 301 -2.89 -26.98 -4.99
CA GLU A 301 -3.70 -27.16 -6.20
C GLU A 301 -4.62 -25.96 -6.46
N GLU A 302 -5.21 -25.39 -5.41
CA GLU A 302 -6.06 -24.22 -5.59
C GLU A 302 -5.24 -23.00 -6.01
N ARG A 303 -4.05 -22.85 -5.46
CA ARG A 303 -3.17 -21.79 -5.92
C ARG A 303 -2.89 -21.93 -7.41
N GLU A 304 -2.66 -23.17 -7.88
CA GLU A 304 -2.46 -23.43 -9.31
C GLU A 304 -3.68 -23.01 -10.13
N LYS A 305 -4.88 -23.32 -9.65
CA LYS A 305 -6.08 -22.91 -10.38
C LYS A 305 -6.18 -21.40 -10.48
N ILE A 306 -5.84 -20.70 -9.40
CA ILE A 306 -5.88 -19.24 -9.42
C ILE A 306 -4.88 -18.69 -10.44
N ARG A 307 -3.66 -19.21 -10.42
CA ARG A 307 -2.67 -18.75 -11.38
C ARG A 307 -3.13 -18.97 -12.82
N GLU A 308 -3.67 -20.16 -13.09
CA GLU A 308 -4.14 -20.45 -14.44
C GLU A 308 -5.30 -19.53 -14.84
N LYS A 309 -6.20 -19.25 -13.89
CA LYS A 309 -7.38 -18.45 -14.18
C LYS A 309 -7.02 -17.01 -14.52
N VAL A 310 -6.06 -16.45 -13.80
CA VAL A 310 -5.73 -15.04 -13.96
C VAL A 310 -4.71 -14.80 -15.07
N ALA A 311 -4.03 -15.85 -15.55
CA ALA A 311 -2.97 -15.66 -16.53
C ALA A 311 -3.41 -14.88 -17.77
N PRO A 312 -4.53 -15.20 -18.42
CA PRO A 312 -4.93 -14.40 -19.59
C PRO A 312 -5.32 -12.97 -19.22
N ILE A 313 -5.85 -12.76 -18.02
CA ILE A 313 -6.19 -11.41 -17.57
C ILE A 313 -4.92 -10.58 -17.43
N VAL A 314 -3.91 -11.15 -16.77
CA VAL A 314 -2.63 -10.47 -16.62
C VAL A 314 -2.03 -10.13 -17.96
N GLU A 315 -2.07 -11.06 -18.92
CA GLU A 315 -1.51 -10.77 -20.23
C GLU A 315 -2.23 -9.60 -20.88
N SER A 316 -3.57 -9.56 -20.82
CA SER A 316 -4.28 -8.45 -21.43
C SER A 316 -4.00 -7.13 -20.72
N LEU A 317 -3.79 -7.17 -19.40
CA LEU A 317 -3.52 -5.95 -18.65
C LEU A 317 -2.15 -5.36 -18.96
N LYS A 318 -1.24 -6.12 -19.56
CA LYS A 318 0.05 -5.56 -19.89
C LYS A 318 -0.09 -4.29 -20.72
N ALA A 319 -1.05 -4.26 -21.65
CA ALA A 319 -1.20 -3.08 -22.50
C ALA A 319 -1.66 -1.87 -21.72
N LYS A 320 -2.44 -2.08 -20.66
CA LYS A 320 -2.94 -0.97 -19.86
C LYS A 320 -1.87 -0.47 -18.90
N ILE A 321 -0.97 -1.34 -18.46
CA ILE A 321 0.07 -0.96 -17.51
C ILE A 321 1.28 -0.39 -18.23
N GLY A 322 1.74 -1.09 -19.25
CA GLY A 322 2.95 -0.76 -19.96
C GLY A 322 3.85 -1.97 -20.07
N LYS A 323 4.01 -2.48 -21.29
CA LYS A 323 4.72 -3.74 -21.52
C LYS A 323 6.12 -3.71 -20.90
N GLU A 324 6.86 -2.62 -21.11
CA GLU A 324 8.23 -2.57 -20.63
C GLU A 324 8.30 -2.56 -19.12
N THR A 325 7.35 -1.90 -18.45
CA THR A 325 7.30 -1.95 -16.99
C THR A 325 7.04 -3.36 -16.50
N VAL A 326 6.03 -4.02 -17.04
CA VAL A 326 5.69 -5.36 -16.56
C VAL A 326 6.87 -6.29 -16.77
N GLU A 327 7.43 -6.29 -17.98
CA GLU A 327 8.53 -7.21 -18.29
C GLU A 327 9.77 -6.88 -17.45
N GLY A 328 10.05 -5.59 -17.26
CA GLY A 328 11.21 -5.21 -16.48
C GLY A 328 11.08 -5.61 -15.02
N VAL A 329 9.90 -5.40 -14.44
CA VAL A 329 9.68 -5.78 -13.05
C VAL A 329 9.77 -7.30 -12.90
N LEU A 330 9.17 -8.03 -13.83
CA LEU A 330 9.24 -9.49 -13.75
C LEU A 330 10.67 -9.97 -13.86
N ASP A 331 11.45 -9.36 -14.76
CA ASP A 331 12.85 -9.76 -14.91
C ASP A 331 13.66 -9.45 -13.67
N ALA A 332 13.44 -8.27 -13.08
CA ALA A 332 14.13 -7.92 -11.84
C ALA A 332 13.76 -8.87 -10.72
N ALA A 333 12.48 -9.25 -10.63
CA ALA A 333 12.06 -10.17 -9.58
C ALA A 333 12.71 -11.54 -9.76
N LYS A 334 12.80 -12.01 -11.00
CA LYS A 334 13.43 -13.29 -11.26
C LYS A 334 14.90 -13.27 -10.84
N LYS A 335 15.61 -12.21 -11.22
CA LYS A 335 17.01 -12.10 -10.83
C LYS A 335 17.16 -12.04 -9.31
N ALA A 336 16.24 -11.34 -8.65
CA ALA A 336 16.29 -11.23 -7.20
C ALA A 336 15.98 -12.58 -6.58
#